data_5K61
#
_entry.id   5K61
#
_cell.length_a   133.598
_cell.length_b   133.598
_cell.length_c   119.123
_cell.angle_alpha   90.00
_cell.angle_beta   90.00
_cell.angle_gamma   90.00
#
_symmetry.space_group_name_H-M   'I 41 2 2'
#
loop_
_entity.id
_entity.type
_entity.pdbx_description
1 polymer Nta1p
2 non-polymer GLUTAMINE
3 water water
#
_entity_poly.entity_id   1
_entity_poly.type   'polypeptide(L)'
_entity_poly.pdbx_seq_one_letter_code
;GSMLIDAIHGAKMSTKLLVSLKVLVIQLNPQIGQVDQTIKRTWSILDKVTKSATYVKPDIILFPEFALTGYSFHARKDIL
PYVTKKDEGPSFELAKSISEKFQCYTIIGYPEEDDEQKLYNSALVVNPQGGQIFNYRKTFLYDTEMNWDCEENPEGFQTF
PMDFSKCAKLSNEDSYNRDVTLKASIGISMDLSPYKFMAPFNHFEFSSFCVDNNVELILCPMAWLNSTSITDKQTLHNNS
LLEAAKNKIAFALKEQGLPLAGSQGIYQLKIGDSQRTPRVPSDDSTSEYKDMDEPDMSNVNYWILRFFPFLYFKLRINWF
KNSSLIESILGKTRMPLDHEYYKDGKHKEDTIDLLDSEEVIKDTVLEKTFLGTSLGQPWKFQGKNAILVLANRCGTEDGT
TIFAGSSGIYKFNGKKPKGSQDDDESSLDSLNESVELLGNLGKGLEGAILREVQFEVFR
;
_entity_poly.pdbx_strand_id   A
#
# COMPACT_ATOMS: atom_id res chain seq x y z
N THR A 15 22.19 -18.43 -0.15
CA THR A 15 21.59 -19.31 0.85
C THR A 15 20.11 -19.00 1.03
N LYS A 16 19.27 -20.00 0.81
CA LYS A 16 17.83 -19.82 0.99
C LYS A 16 17.45 -19.76 2.46
N LEU A 17 16.65 -18.77 2.81
CA LEU A 17 16.19 -18.59 4.16
C LEU A 17 14.67 -18.51 4.18
N LEU A 18 14.03 -19.42 4.91
CA LEU A 18 12.57 -19.37 5.05
C LEU A 18 12.16 -18.41 6.15
N VAL A 19 11.12 -17.61 5.88
CA VAL A 19 10.64 -16.61 6.82
C VAL A 19 9.17 -16.85 7.15
N SER A 20 8.78 -16.56 8.38
CA SER A 20 7.38 -16.64 8.77
C SER A 20 7.04 -15.36 9.51
N LEU A 21 6.09 -14.59 8.98
CA LEU A 21 5.70 -13.32 9.57
C LEU A 21 4.23 -13.34 9.92
N LYS A 22 3.89 -12.88 11.12
CA LYS A 22 2.49 -12.73 11.47
C LYS A 22 2.12 -11.29 11.16
N VAL A 23 1.20 -11.11 10.22
CA VAL A 23 0.92 -9.77 9.70
C VAL A 23 -0.49 -9.35 10.06
N LEU A 24 -0.62 -8.24 10.78
CA LEU A 24 -1.93 -7.72 11.14
C LEU A 24 -2.20 -6.41 10.41
N VAL A 25 -3.33 -6.33 9.70
CA VAL A 25 -3.76 -5.09 9.05
C VAL A 25 -5.00 -4.55 9.72
N ILE A 26 -4.98 -3.26 10.05
CA ILE A 26 -6.11 -2.58 10.65
C ILE A 26 -6.81 -1.71 9.61
N GLN A 27 -8.11 -1.90 9.46
CA GLN A 27 -8.88 -1.12 8.51
C GLN A 27 -9.84 -0.18 9.25
N LEU A 28 -9.69 1.13 9.02
CA LEU A 28 -10.47 2.15 9.71
C LEU A 28 -11.25 3.08 8.79
N ASN A 29 -12.29 3.71 9.35
CA ASN A 29 -13.04 4.78 8.71
C ASN A 29 -12.95 6.03 9.57
N PRO A 30 -11.79 6.70 9.50
CA PRO A 30 -11.56 7.93 10.25
C PRO A 30 -12.28 9.11 9.60
N GLN A 31 -12.87 9.98 10.40
CA GLN A 31 -13.49 11.18 9.88
C GLN A 31 -12.82 12.38 10.53
N ILE A 32 -12.68 13.47 9.78
CA ILE A 32 -12.00 14.67 10.25
C ILE A 32 -12.65 15.21 11.53
N GLY A 33 -11.80 15.51 12.51
CA GLY A 33 -12.28 15.95 13.82
C GLY A 33 -12.68 14.86 14.79
N GLN A 34 -12.39 13.60 14.46
CA GLN A 34 -12.74 12.50 15.37
C GLN A 34 -11.51 11.72 15.84
N VAL A 35 -10.35 12.39 15.92
CA VAL A 35 -9.11 11.69 16.27
C VAL A 35 -9.23 10.87 17.55
N ASP A 36 -9.75 11.46 18.62
CA ASP A 36 -9.90 10.72 19.89
C ASP A 36 -10.83 9.50 19.77
N GLN A 37 -11.93 9.67 19.03
CA GLN A 37 -12.86 8.57 18.82
C GLN A 37 -12.24 7.44 18.01
N THR A 38 -11.46 7.79 16.99
CA THR A 38 -10.81 6.80 16.13
C THR A 38 -9.77 6.01 16.93
N ILE A 39 -9.03 6.70 17.79
CA ILE A 39 -8.08 6.02 18.67
C ILE A 39 -8.79 5.04 19.61
N LYS A 40 -9.90 5.47 20.19
CA LYS A 40 -10.68 4.58 21.05
C LYS A 40 -11.14 3.34 20.28
N ARG A 41 -11.68 3.53 19.08
CA ARG A 41 -12.12 2.39 18.27
C ARG A 41 -10.94 1.49 17.90
N THR A 42 -9.77 2.08 17.69
CA THR A 42 -8.56 1.32 17.40
C THR A 42 -8.19 0.38 18.55
N TRP A 43 -8.28 0.88 19.78
CA TRP A 43 -7.98 0.07 20.96
C TRP A 43 -9.05 -0.99 21.17
N SER A 44 -10.30 -0.65 20.84
CA SER A 44 -11.37 -1.65 20.86
C SER A 44 -11.11 -2.80 19.88
N ILE A 45 -10.66 -2.46 18.66
CA ILE A 45 -10.37 -3.48 17.65
C ILE A 45 -9.23 -4.39 18.09
N LEU A 46 -8.15 -3.78 18.58
CA LEU A 46 -6.97 -4.52 19.02
C LEU A 46 -7.31 -5.45 20.18
N ASP A 47 -8.15 -4.98 21.10
CA ASP A 47 -8.62 -5.84 22.17
C ASP A 47 -9.35 -7.06 21.62
N LYS A 48 -10.30 -6.82 20.73
CA LYS A 48 -11.08 -7.91 20.15
C LYS A 48 -10.17 -8.89 19.42
N VAL A 49 -9.12 -8.37 18.81
CA VAL A 49 -8.15 -9.20 18.08
C VAL A 49 -7.45 -10.18 19.01
N THR A 50 -6.96 -9.69 20.14
CA THR A 50 -6.27 -10.55 21.11
C THR A 50 -7.17 -11.62 21.71
N LYS A 51 -8.49 -11.40 21.66
CA LYS A 51 -9.42 -12.35 22.25
C LYS A 51 -9.89 -13.38 21.22
N SER A 52 -9.46 -13.21 19.98
CA SER A 52 -9.86 -14.15 18.93
C SER A 52 -9.36 -15.56 19.22
N ALA A 53 -10.14 -16.55 18.81
CA ALA A 53 -9.79 -17.93 19.08
C ALA A 53 -8.45 -18.31 18.47
N THR A 54 -8.14 -17.77 17.30
CA THR A 54 -6.90 -18.13 16.62
C THR A 54 -5.92 -16.95 16.55
N TYR A 55 -5.95 -16.09 17.57
CA TYR A 55 -5.00 -15.01 17.66
C TYR A 55 -3.59 -15.51 17.87
N VAL A 56 -2.64 -14.84 17.20
CA VAL A 56 -1.22 -15.03 17.46
C VAL A 56 -0.58 -13.64 17.42
N LYS A 57 0.52 -13.44 18.12
CA LYS A 57 1.09 -12.10 18.21
C LYS A 57 1.63 -11.65 16.86
N PRO A 58 1.19 -10.47 16.39
CA PRO A 58 1.72 -10.01 15.11
C PRO A 58 3.18 -9.58 15.20
N ASP A 59 3.92 -9.79 14.12
CA ASP A 59 5.27 -9.25 13.98
C ASP A 59 5.24 -7.83 13.44
N ILE A 60 4.17 -7.52 12.72
CA ILE A 60 4.04 -6.19 12.11
C ILE A 60 2.57 -5.82 12.04
N ILE A 61 2.26 -4.56 12.32
CA ILE A 61 0.90 -4.07 12.26
C ILE A 61 0.86 -2.85 11.33
N LEU A 62 -0.04 -2.85 10.36
CA LEU A 62 -0.09 -1.78 9.36
C LEU A 62 -1.46 -1.09 9.37
N PHE A 63 -1.44 0.25 9.42
CA PHE A 63 -2.63 1.08 9.39
C PHE A 63 -2.76 1.75 8.01
N PRO A 64 -3.93 2.34 7.72
CA PRO A 64 -4.12 3.07 6.46
C PRO A 64 -3.43 4.45 6.39
N GLU A 65 -3.52 5.05 5.20
CA GLU A 65 -3.12 6.42 4.95
C GLU A 65 -3.98 7.33 5.80
N PHE A 66 -3.35 8.34 6.43
CA PHE A 66 -4.04 9.26 7.33
C PHE A 66 -5.02 8.53 8.28
N ALA A 67 -4.52 7.51 8.99
CA ALA A 67 -5.37 6.57 9.70
C ALA A 67 -6.23 7.17 10.81
N LEU A 68 -5.75 8.21 11.50
CA LEU A 68 -6.52 8.75 12.63
C LEU A 68 -7.22 10.07 12.31
N THR A 69 -6.87 10.67 11.18
CA THR A 69 -7.23 12.06 10.96
C THR A 69 -8.37 12.30 9.95
N GLY A 70 -8.66 11.33 9.08
CA GLY A 70 -9.56 11.58 7.95
C GLY A 70 -8.68 12.04 6.81
N TYR A 71 -9.24 12.16 5.61
CA TYR A 71 -8.40 12.32 4.43
C TYR A 71 -8.66 13.59 3.62
N SER A 72 -9.94 13.92 3.43
CA SER A 72 -10.30 14.95 2.45
C SER A 72 -10.19 16.37 3.01
N PHE A 73 -8.97 16.82 3.27
CA PHE A 73 -8.74 18.19 3.76
C PHE A 73 -8.78 19.18 2.59
N HIS A 74 -9.49 20.28 2.76
CA HIS A 74 -9.76 21.19 1.64
C HIS A 74 -8.88 22.44 1.63
N ALA A 75 -8.09 22.61 2.70
CA ALA A 75 -7.27 23.81 2.85
C ALA A 75 -6.19 23.57 3.87
N ARG A 76 -5.06 24.27 3.71
CA ARG A 76 -3.96 24.16 4.67
C ARG A 76 -4.42 24.39 6.11
N LYS A 77 -5.24 25.43 6.30
CA LYS A 77 -5.76 25.77 7.64
C LYS A 77 -6.58 24.64 8.27
N ASP A 78 -7.28 23.87 7.45
CA ASP A 78 -8.11 22.78 7.98
C ASP A 78 -7.27 21.61 8.50
N ILE A 79 -6.08 21.42 7.95
CA ILE A 79 -5.31 20.22 8.32
C ILE A 79 -4.29 20.56 9.41
N LEU A 80 -3.94 21.84 9.51
CA LEU A 80 -2.92 22.28 10.45
C LEU A 80 -3.16 21.83 11.90
N PRO A 81 -4.42 21.82 12.36
CA PRO A 81 -4.65 21.33 13.72
C PRO A 81 -4.40 19.82 13.91
N TYR A 82 -4.06 19.10 12.83
CA TYR A 82 -3.92 17.64 12.95
C TYR A 82 -2.54 17.16 12.55
N VAL A 83 -1.71 18.09 12.07
CA VAL A 83 -0.37 17.74 11.66
C VAL A 83 0.48 17.54 12.90
N THR A 84 1.57 16.81 12.77
CA THR A 84 2.49 16.57 13.88
C THR A 84 3.88 16.38 13.33
N LYS A 85 4.88 16.57 14.19
CA LYS A 85 6.24 16.15 13.84
C LYS A 85 6.23 14.63 13.74
N LYS A 86 7.19 14.08 13.03
CA LYS A 86 7.23 12.64 12.82
C LYS A 86 7.39 11.84 14.11
N ASP A 87 7.91 12.46 15.17
CA ASP A 87 8.13 11.73 16.41
C ASP A 87 7.38 12.33 17.59
N GLU A 88 6.28 13.01 17.32
CA GLU A 88 5.41 13.55 18.37
C GLU A 88 3.96 13.36 17.96
N GLY A 89 3.06 13.45 18.93
CA GLY A 89 1.64 13.53 18.63
C GLY A 89 0.90 12.20 18.63
N PRO A 90 -0.43 12.27 18.45
CA PRO A 90 -1.36 11.14 18.58
C PRO A 90 -1.00 9.92 17.74
N SER A 91 -0.65 10.10 16.47
CA SER A 91 -0.35 8.95 15.61
C SER A 91 0.96 8.26 16.04
N PHE A 92 1.97 9.06 16.33
CA PHE A 92 3.22 8.51 16.84
C PHE A 92 3.03 7.82 18.19
N GLU A 93 2.33 8.49 19.10
CA GLU A 93 2.14 7.94 20.45
C GLU A 93 1.33 6.65 20.37
N LEU A 94 0.31 6.62 19.52
CA LEU A 94 -0.44 5.39 19.30
C LEU A 94 0.47 4.25 18.80
N ALA A 95 1.24 4.53 17.77
CA ALA A 95 2.11 3.52 17.18
C ALA A 95 3.17 3.03 18.19
N LYS A 96 3.66 3.94 19.01
CA LYS A 96 4.64 3.60 20.04
C LYS A 96 4.01 2.70 21.10
N SER A 97 2.80 3.02 21.54
CA SER A 97 2.10 2.19 22.53
C SER A 97 1.75 0.81 21.98
N ILE A 98 1.25 0.77 20.75
CA ILE A 98 0.96 -0.50 20.11
C ILE A 98 2.22 -1.34 20.00
N SER A 99 3.30 -0.72 19.56
CA SER A 99 4.55 -1.45 19.32
C SER A 99 5.15 -2.01 20.62
N GLU A 100 4.93 -1.31 21.73
CA GLU A 100 5.46 -1.74 23.02
C GLU A 100 4.53 -2.79 23.63
N LYS A 101 3.24 -2.69 23.35
CA LYS A 101 2.28 -3.65 23.88
C LYS A 101 2.31 -4.98 23.13
N PHE A 102 2.73 -4.95 21.87
CA PHE A 102 2.72 -6.17 21.05
C PHE A 102 4.13 -6.58 20.62
N GLN A 103 5.13 -5.86 21.11
CA GLN A 103 6.52 -6.10 20.72
C GLN A 103 6.66 -6.29 19.20
N CYS A 104 6.09 -5.36 18.44
CA CYS A 104 6.06 -5.48 16.98
C CYS A 104 6.51 -4.18 16.29
N TYR A 105 6.66 -4.25 14.98
CA TYR A 105 6.73 -3.05 14.17
C TYR A 105 5.32 -2.52 13.95
N THR A 106 5.16 -1.21 14.02
CA THR A 106 3.86 -0.59 13.75
C THR A 106 4.06 0.52 12.71
N ILE A 107 3.23 0.55 11.67
CA ILE A 107 3.32 1.54 10.60
C ILE A 107 1.98 2.26 10.43
N ILE A 108 1.99 3.59 10.53
CA ILE A 108 0.74 4.34 10.47
C ILE A 108 0.87 5.60 9.63
N GLY A 109 -0.14 5.88 8.81
CA GLY A 109 -0.16 7.07 7.98
C GLY A 109 -0.67 8.25 8.76
N TYR A 110 -0.06 9.40 8.55
CA TYR A 110 -0.41 10.59 9.35
C TYR A 110 0.01 11.85 8.61
N PRO A 111 -0.68 12.98 8.87
CA PRO A 111 -0.23 14.25 8.29
C PRO A 111 0.96 14.83 9.06
N GLU A 112 2.06 15.06 8.35
CA GLU A 112 3.30 15.51 8.98
C GLU A 112 3.63 16.97 8.71
N GLU A 113 4.17 17.64 9.72
CA GLU A 113 4.84 18.93 9.55
C GLU A 113 6.30 18.84 10.01
N ASP A 114 7.23 19.45 9.29
CA ASP A 114 8.61 19.48 9.76
C ASP A 114 8.97 20.85 10.36
N ASP A 115 10.22 20.98 10.81
CA ASP A 115 10.67 22.19 11.48
C ASP A 115 10.55 23.41 10.58
N GLU A 116 10.69 23.20 9.27
CA GLU A 116 10.65 24.29 8.30
C GLU A 116 9.23 24.59 7.87
N GLN A 117 8.26 24.07 8.61
CA GLN A 117 6.84 24.31 8.35
C GLN A 117 6.34 23.71 7.03
N LYS A 118 7.03 22.71 6.51
CA LYS A 118 6.56 22.03 5.31
C LYS A 118 5.66 20.84 5.67
N LEU A 119 4.64 20.59 4.85
CA LEU A 119 3.65 19.54 5.15
C LEU A 119 3.81 18.34 4.20
N TYR A 120 3.64 17.14 4.74
CA TYR A 120 3.74 15.90 3.96
C TYR A 120 2.62 14.91 4.31
N ASN A 121 2.39 13.92 3.74
CA ASN A 121 1.56 12.73 3.80
C ASN A 121 2.52 11.56 3.93
N SER A 122 2.46 11.20 5.14
CA SER A 122 3.57 10.37 5.62
C SER A 122 3.15 9.07 6.31
N ALA A 123 4.12 8.18 6.47
CA ALA A 123 3.91 6.94 7.20
C ALA A 123 5.12 6.70 8.09
N LEU A 124 4.91 6.70 9.41
CA LEU A 124 6.01 6.49 10.36
C LEU A 124 6.09 5.02 10.77
N VAL A 125 7.30 4.57 11.06
CA VAL A 125 7.55 3.18 11.43
C VAL A 125 8.23 3.09 12.80
N VAL A 126 7.62 2.33 13.70
CA VAL A 126 8.13 2.18 15.06
C VAL A 126 8.52 0.72 15.28
N ASN A 127 9.70 0.49 15.87
CA ASN A 127 10.18 -0.88 16.10
C ASN A 127 9.64 -1.40 17.42
N PRO A 128 9.88 -2.69 17.71
CA PRO A 128 9.31 -3.33 18.92
C PRO A 128 9.76 -2.67 20.24
N GLN A 129 10.84 -1.90 20.18
CA GLN A 129 11.33 -1.20 21.35
C GLN A 129 10.66 0.15 21.55
N GLY A 130 9.72 0.48 20.65
CA GLY A 130 9.04 1.76 20.74
C GLY A 130 9.87 2.89 20.14
N GLY A 131 10.87 2.53 19.35
CA GLY A 131 11.73 3.52 18.71
C GLY A 131 11.34 3.76 17.27
N GLN A 132 11.30 5.02 16.85
CA GLN A 132 10.95 5.33 15.47
C GLN A 132 12.14 5.13 14.55
N ILE A 133 12.05 4.13 13.68
CA ILE A 133 13.16 3.79 12.81
C ILE A 133 13.04 4.34 11.40
N PHE A 134 11.87 4.81 11.02
CA PHE A 134 11.72 5.32 9.65
C PHE A 134 10.51 6.22 9.50
N ASN A 135 10.58 7.13 8.55
CA ASN A 135 9.48 8.03 8.23
C ASN A 135 9.42 8.21 6.73
N TYR A 136 8.41 7.64 6.08
CA TYR A 136 8.30 7.71 4.62
C TYR A 136 7.30 8.77 4.20
N ARG A 137 7.66 9.56 3.20
CA ARG A 137 6.72 10.55 2.68
C ARG A 137 6.17 10.13 1.33
N LYS A 138 4.88 10.41 1.12
CA LYS A 138 4.22 10.09 -0.15
C LYS A 138 4.96 10.78 -1.32
N THR A 139 5.09 10.05 -2.42
CA THR A 139 5.97 10.42 -3.53
C THR A 139 5.17 10.90 -4.74
N PHE A 140 4.12 10.15 -5.09
CA PHE A 140 3.15 10.59 -6.09
C PHE A 140 1.91 11.10 -5.36
N LEU A 141 1.59 12.38 -5.53
CA LEU A 141 0.47 12.97 -4.80
C LEU A 141 -0.82 12.91 -5.63
N TYR A 142 -1.94 12.86 -4.90
CA TYR A 142 -3.27 12.86 -5.49
C TYR A 142 -3.82 14.29 -5.44
N ASP A 143 -4.87 14.56 -6.21
CA ASP A 143 -5.48 15.90 -6.27
C ASP A 143 -5.75 16.51 -4.89
N THR A 144 -6.29 15.70 -3.98
CA THR A 144 -6.61 16.19 -2.64
C THR A 144 -5.41 16.82 -1.92
N GLU A 145 -4.23 16.24 -2.06
CA GLU A 145 -3.03 16.77 -1.39
C GLU A 145 -2.72 18.20 -1.84
N MET A 146 -3.10 18.51 -3.06
CA MET A 146 -2.85 19.83 -3.62
C MET A 146 -3.70 20.90 -2.92
N ASN A 147 -4.80 20.48 -2.28
CA ASN A 147 -5.63 21.43 -1.51
C ASN A 147 -4.89 22.07 -0.34
N TRP A 148 -3.93 21.36 0.23
CA TRP A 148 -3.29 21.84 1.45
C TRP A 148 -1.78 21.96 1.39
N ASP A 149 -1.24 22.07 0.17
CA ASP A 149 0.17 22.36 -0.04
C ASP A 149 1.10 21.23 0.37
N CYS A 150 0.61 19.99 0.23
CA CYS A 150 1.46 18.82 0.48
C CYS A 150 2.66 18.80 -0.48
N GLU A 151 3.83 18.45 0.05
CA GLU A 151 5.02 18.33 -0.76
C GLU A 151 5.24 16.89 -1.22
N GLU A 152 5.90 16.72 -2.37
CA GLU A 152 6.35 15.40 -2.79
C GLU A 152 7.57 15.02 -1.96
N ASN A 153 7.71 13.73 -1.70
CA ASN A 153 8.91 13.21 -1.06
C ASN A 153 10.15 13.56 -1.90
N PRO A 154 11.08 14.35 -1.35
CA PRO A 154 12.27 14.74 -2.12
C PRO A 154 13.25 13.59 -2.34
N GLU A 155 13.09 12.48 -1.62
CA GLU A 155 13.94 11.32 -1.87
C GLU A 155 13.33 10.35 -2.89
N GLY A 156 12.11 10.64 -3.36
CA GLY A 156 11.39 9.72 -4.22
C GLY A 156 11.09 8.44 -3.45
N PHE A 157 10.91 7.32 -4.16
CA PHE A 157 10.65 6.04 -3.52
C PHE A 157 11.85 5.63 -2.66
N GLN A 158 11.61 4.99 -1.52
CA GLN A 158 12.69 4.64 -0.61
C GLN A 158 12.55 3.21 -0.10
N THR A 159 13.68 2.58 0.19
CA THR A 159 13.67 1.29 0.90
C THR A 159 14.29 1.45 2.29
N PHE A 160 14.09 0.46 3.15
CA PHE A 160 14.66 0.48 4.49
C PHE A 160 14.64 -0.91 5.07
N PRO A 161 15.59 -1.20 5.99
CA PRO A 161 15.67 -2.51 6.62
C PRO A 161 14.73 -2.66 7.81
N MET A 162 14.20 -3.85 7.97
CA MET A 162 13.43 -4.18 9.15
C MET A 162 13.98 -5.47 9.74
N ASP A 163 14.55 -5.38 10.94
CA ASP A 163 15.11 -6.55 11.64
C ASP A 163 14.01 -7.33 12.33
N PHE A 164 13.73 -8.52 11.84
CA PHE A 164 12.71 -9.31 12.48
C PHE A 164 13.40 -10.36 13.34
N SER A 165 12.92 -10.50 14.57
CA SER A 165 13.53 -11.41 15.55
C SER A 165 12.79 -12.74 15.57
N LYS A 166 13.52 -13.82 15.35
CA LYS A 166 12.94 -15.16 15.44
C LYS A 166 11.83 -15.38 14.42
N CYS A 167 12.14 -15.16 13.16
CA CYS A 167 11.14 -15.22 12.09
C CYS A 167 11.61 -16.05 10.90
N ALA A 168 12.76 -16.70 11.05
CA ALA A 168 13.40 -17.37 9.91
C ALA A 168 14.12 -18.66 10.29
N LYS A 169 14.37 -19.49 9.28
CA LYS A 169 15.01 -20.78 9.47
C LYS A 169 15.64 -21.25 8.16
N LEU A 170 16.64 -22.11 8.24
CA LEU A 170 17.12 -22.77 7.04
C LEU A 170 16.08 -23.79 6.64
N SER A 171 16.14 -24.28 5.40
CA SER A 171 15.05 -25.06 4.84
C SER A 171 14.86 -26.43 5.51
N ASN A 172 15.90 -26.98 6.10
CA ASN A 172 15.78 -28.29 6.73
C ASN A 172 15.56 -28.18 8.24
N GLU A 173 15.50 -26.94 8.75
CA GLU A 173 15.22 -26.71 10.16
C GLU A 173 13.71 -26.76 10.44
N ASP A 174 13.34 -27.03 11.69
CA ASP A 174 11.95 -27.35 12.06
C ASP A 174 11.24 -26.25 12.85
N SER A 175 11.97 -25.21 13.24
CA SER A 175 11.34 -24.04 13.87
C SER A 175 11.95 -22.72 13.37
N TYR A 176 11.14 -21.67 13.42
CA TYR A 176 11.58 -20.34 12.98
C TYR A 176 12.31 -19.63 14.10
N ASN A 177 13.60 -19.93 14.23
CA ASN A 177 14.38 -19.52 15.38
C ASN A 177 15.47 -18.51 15.04
N ARG A 178 15.70 -18.30 13.74
CA ARG A 178 16.70 -17.33 13.29
C ARG A 178 16.11 -15.94 13.07
N ASP A 179 16.97 -14.94 13.14
CA ASP A 179 16.58 -13.57 12.83
C ASP A 179 16.72 -13.30 11.33
N VAL A 180 16.09 -12.24 10.86
CA VAL A 180 16.23 -11.84 9.47
C VAL A 180 16.01 -10.34 9.32
N THR A 181 16.86 -9.71 8.52
CA THR A 181 16.65 -8.32 8.16
C THR A 181 16.03 -8.27 6.77
N LEU A 182 14.77 -7.88 6.69
CA LEU A 182 14.07 -7.79 5.41
C LEU A 182 14.21 -6.40 4.82
N LYS A 183 14.34 -6.36 3.50
CA LYS A 183 14.32 -5.11 2.78
C LYS A 183 12.89 -4.69 2.51
N ALA A 184 12.48 -3.57 3.08
CA ALA A 184 11.09 -3.14 3.04
C ALA A 184 10.94 -1.86 2.23
N SER A 185 9.73 -1.62 1.74
CA SER A 185 9.44 -0.37 1.06
C SER A 185 8.00 0.02 1.36
N ILE A 186 7.78 1.29 1.67
CA ILE A 186 6.41 1.76 1.86
C ILE A 186 5.97 2.50 0.61
N GLY A 187 4.75 2.24 0.16
CA GLY A 187 4.14 3.01 -0.91
C GLY A 187 2.78 3.47 -0.46
N ILE A 188 2.56 4.79 -0.44
CA ILE A 188 1.26 5.34 0.00
C ILE A 188 0.35 5.57 -1.23
N SER A 189 -0.79 4.90 -1.22
CA SER A 189 -1.81 4.88 -2.29
C SER A 189 -1.38 5.32 -3.71
N MET A 190 -1.51 6.62 -4.01
CA MET A 190 -1.18 7.13 -5.34
C MET A 190 0.23 6.76 -5.82
N ASP A 191 1.14 6.43 -4.90
CA ASP A 191 2.47 5.95 -5.29
C ASP A 191 2.36 4.83 -6.31
N LEU A 192 1.29 4.03 -6.22
CA LEU A 192 1.11 2.91 -7.13
C LEU A 192 0.63 3.27 -8.54
N SER A 193 0.11 4.47 -8.69
CA SER A 193 -0.48 4.95 -9.95
C SER A 193 0.57 5.50 -10.90
N PRO A 194 0.23 5.62 -12.19
CA PRO A 194 1.09 6.42 -13.06
C PRO A 194 1.20 7.83 -12.50
N TYR A 195 2.39 8.40 -12.57
CA TYR A 195 2.64 9.76 -12.10
C TYR A 195 1.57 10.72 -12.59
N LYS A 196 0.94 11.43 -11.64
CA LYS A 196 -0.14 12.36 -11.91
C LYS A 196 -1.26 11.81 -12.79
N PHE A 197 -1.34 10.48 -12.91
CA PHE A 197 -2.32 9.88 -13.81
C PHE A 197 -2.06 10.29 -15.26
N MET A 198 -0.88 10.84 -15.53
CA MET A 198 -0.55 11.32 -16.88
C MET A 198 0.54 10.46 -17.54
N ALA A 199 1.47 9.95 -16.74
CA ALA A 199 2.54 9.10 -17.27
C ALA A 199 1.99 7.86 -17.94
N PRO A 200 2.81 7.22 -18.80
CA PRO A 200 2.37 5.97 -19.44
C PRO A 200 2.04 4.91 -18.40
N PHE A 201 0.95 4.18 -18.63
CA PHE A 201 0.49 3.15 -17.71
C PHE A 201 1.57 2.10 -17.49
N ASN A 202 2.33 1.83 -18.54
CA ASN A 202 3.27 0.71 -18.52
C ASN A 202 4.59 1.03 -17.83
N HIS A 203 4.71 2.24 -17.30
CA HIS A 203 5.90 2.55 -16.52
C HIS A 203 5.93 1.81 -15.17
N PHE A 204 4.75 1.53 -14.60
CA PHE A 204 4.66 0.88 -13.29
C PHE A 204 5.74 1.35 -12.35
N GLU A 205 5.77 2.65 -12.07
CA GLU A 205 6.91 3.24 -11.39
C GLU A 205 7.22 2.60 -10.04
N PHE A 206 6.23 2.51 -9.16
CA PHE A 206 6.49 2.06 -7.79
C PHE A 206 6.90 0.60 -7.76
N SER A 207 6.13 -0.23 -8.46
CA SER A 207 6.41 -1.66 -8.43
C SER A 207 7.71 -2.00 -9.19
N SER A 208 8.02 -1.21 -10.22
CA SER A 208 9.33 -1.35 -10.89
C SER A 208 10.46 -1.07 -9.93
N PHE A 209 10.29 -0.01 -9.14
CA PHE A 209 11.26 0.36 -8.12
C PHE A 209 11.48 -0.73 -7.08
N CYS A 210 10.40 -1.35 -6.64
CA CYS A 210 10.51 -2.46 -5.68
C CYS A 210 11.28 -3.63 -6.26
N VAL A 211 10.95 -4.03 -7.48
CA VAL A 211 11.66 -5.11 -8.17
C VAL A 211 13.14 -4.75 -8.41
N ASP A 212 13.39 -3.54 -8.92
CA ASP A 212 14.75 -3.05 -9.18
C ASP A 212 15.61 -3.22 -7.94
N ASN A 213 15.05 -2.84 -6.80
CA ASN A 213 15.79 -2.79 -5.56
C ASN A 213 15.63 -4.05 -4.71
N ASN A 214 15.10 -5.11 -5.31
CA ASN A 214 14.91 -6.39 -4.65
C ASN A 214 14.20 -6.27 -3.29
N VAL A 215 13.14 -5.49 -3.26
CA VAL A 215 12.32 -5.34 -2.07
C VAL A 215 11.61 -6.66 -1.73
N GLU A 216 11.51 -6.99 -0.45
CA GLU A 216 10.93 -8.26 -0.04
C GLU A 216 9.57 -8.06 0.63
N LEU A 217 9.44 -6.95 1.34
CA LEU A 217 8.21 -6.64 2.06
C LEU A 217 7.69 -5.29 1.60
N ILE A 218 6.58 -5.31 0.86
CA ILE A 218 5.95 -4.09 0.37
C ILE A 218 4.75 -3.68 1.27
N LEU A 219 4.79 -2.46 1.81
CA LEU A 219 3.77 -2.00 2.75
C LEU A 219 3.04 -0.79 2.22
N CYS A 220 1.73 -0.89 2.07
CA CYS A 220 0.97 0.18 1.45
C CYS A 220 -0.21 0.68 2.28
N PRO A 221 0.03 1.70 3.11
CA PRO A 221 -1.07 2.48 3.69
C PRO A 221 -1.82 3.18 2.57
N MET A 222 -3.14 3.04 2.50
CA MET A 222 -3.87 3.70 1.41
C MET A 222 -5.16 4.40 1.83
N ALA A 223 -5.56 5.40 1.04
CA ALA A 223 -6.93 5.93 1.08
C ALA A 223 -7.39 5.91 -0.37
N TRP A 224 -7.72 4.73 -0.86
CA TRP A 224 -7.91 4.47 -2.29
C TRP A 224 -9.41 4.37 -2.60
N LEU A 225 -9.84 5.03 -3.67
CA LEU A 225 -11.26 5.17 -3.98
C LEU A 225 -11.91 3.99 -4.68
N ASN A 226 -13.14 3.68 -4.26
CA ASN A 226 -14.06 2.87 -5.06
C ASN A 226 -14.58 3.76 -6.22
N SER A 227 -14.79 3.18 -7.40
CA SER A 227 -15.05 4.03 -8.57
C SER A 227 -16.47 4.60 -8.63
N THR A 228 -17.31 4.28 -7.64
CA THR A 228 -18.59 4.96 -7.48
C THR A 228 -18.38 6.42 -7.07
N SER A 229 -17.16 6.74 -6.62
CA SER A 229 -16.83 8.10 -6.19
C SER A 229 -17.00 9.11 -7.32
N ILE A 230 -17.30 10.35 -6.96
CA ILE A 230 -17.41 11.41 -7.95
C ILE A 230 -16.05 12.05 -8.19
N THR A 231 -15.48 11.82 -9.38
CA THR A 231 -14.16 12.38 -9.68
C THR A 231 -14.14 13.24 -10.96
N ASP A 232 -15.19 13.16 -11.76
CA ASP A 232 -15.26 13.93 -13.00
C ASP A 232 -15.16 15.43 -12.71
N LYS A 233 -14.12 16.07 -13.25
CA LYS A 233 -13.83 17.45 -12.90
C LYS A 233 -14.93 18.44 -13.31
N GLN A 234 -15.58 18.20 -14.45
CA GLN A 234 -16.64 19.11 -14.88
C GLN A 234 -17.82 19.01 -13.92
N THR A 235 -18.13 17.79 -13.50
CA THR A 235 -19.15 17.56 -12.47
C THR A 235 -18.83 18.28 -11.15
N LEU A 236 -17.59 18.15 -10.71
CA LEU A 236 -17.19 18.75 -9.43
C LEU A 236 -17.28 20.29 -9.45
N HIS A 237 -17.16 20.89 -10.63
CA HIS A 237 -17.09 22.34 -10.72
C HIS A 237 -18.32 22.98 -11.37
N ASN A 238 -19.38 22.19 -11.47
CA ASN A 238 -20.69 22.65 -11.90
C ASN A 238 -21.67 22.28 -10.80
N ASN A 239 -22.12 23.27 -10.06
CA ASN A 239 -22.83 22.99 -8.81
C ASN A 239 -24.12 22.19 -9.03
N SER A 240 -24.73 22.36 -10.20
CA SER A 240 -25.94 21.61 -10.53
C SER A 240 -25.64 20.14 -10.80
N LEU A 241 -24.61 19.88 -11.59
CA LEU A 241 -24.19 18.50 -11.82
C LEU A 241 -23.69 17.82 -10.53
N LEU A 242 -23.05 18.60 -9.67
CA LEU A 242 -22.50 18.10 -8.42
C LEU A 242 -23.61 17.70 -7.46
N GLU A 243 -24.60 18.57 -7.30
CA GLU A 243 -25.74 18.29 -6.44
C GLU A 243 -26.44 17.00 -6.88
N ALA A 244 -26.63 16.84 -8.19
CA ALA A 244 -27.24 15.62 -8.72
C ALA A 244 -26.37 14.41 -8.42
N ALA A 245 -25.05 14.57 -8.53
CA ALA A 245 -24.14 13.45 -8.32
C ALA A 245 -24.13 13.05 -6.85
N LYS A 246 -24.20 14.05 -5.97
CA LYS A 246 -24.19 13.77 -4.55
C LYS A 246 -25.44 12.99 -4.15
N ASN A 247 -26.59 13.30 -4.77
CA ASN A 247 -27.82 12.54 -4.53
C ASN A 247 -27.65 11.06 -4.85
N LYS A 248 -26.90 10.75 -5.90
CA LYS A 248 -26.67 9.35 -6.29
C LYS A 248 -25.91 8.57 -5.22
N ILE A 249 -24.89 9.21 -4.65
CA ILE A 249 -24.10 8.54 -3.62
C ILE A 249 -24.91 8.39 -2.34
N ALA A 250 -25.70 9.42 -2.02
CA ALA A 250 -26.53 9.38 -0.83
C ALA A 250 -27.47 8.18 -0.89
N PHE A 251 -28.11 7.99 -2.04
CA PHE A 251 -29.00 6.85 -2.20
C PHE A 251 -28.29 5.52 -2.05
N ALA A 252 -27.06 5.44 -2.56
CA ALA A 252 -26.30 4.20 -2.53
C ALA A 252 -25.92 3.79 -1.11
N LEU A 253 -25.61 4.78 -0.26
CA LEU A 253 -25.35 4.49 1.15
C LEU A 253 -26.67 4.16 1.87
N LYS A 254 -27.73 4.90 1.57
CA LYS A 254 -28.99 4.64 2.30
C LYS A 254 -29.48 3.24 2.00
N GLU A 255 -29.37 2.85 0.74
CA GLU A 255 -29.80 1.54 0.29
C GLU A 255 -29.00 0.43 0.99
N GLN A 256 -27.80 0.76 1.46
CA GLN A 256 -27.00 -0.20 2.19
C GLN A 256 -27.25 -0.19 3.70
N GLY A 257 -28.17 0.66 4.16
CA GLY A 257 -28.44 0.74 5.59
C GLY A 257 -27.30 1.42 6.34
N LEU A 258 -26.68 2.39 5.69
CA LEU A 258 -25.55 3.08 6.31
C LEU A 258 -25.73 4.58 6.29
N PRO A 259 -25.20 5.26 7.31
CA PRO A 259 -25.15 6.72 7.27
C PRO A 259 -24.21 7.15 6.16
N LEU A 260 -24.27 8.42 5.78
CA LEU A 260 -23.55 8.87 4.59
C LEU A 260 -22.03 8.67 4.73
N ALA A 261 -21.49 8.84 5.95
CA ALA A 261 -20.06 8.69 6.21
C ALA A 261 -19.61 7.22 6.15
N GLY A 262 -20.55 6.30 6.06
CA GLY A 262 -20.23 4.90 6.02
C GLY A 262 -20.16 4.28 7.41
N SER A 263 -19.76 3.01 7.48
CA SER A 263 -19.78 2.25 8.73
C SER A 263 -18.60 2.51 9.66
N GLN A 264 -18.90 2.70 10.95
CA GLN A 264 -17.89 2.79 12.00
C GLN A 264 -18.30 1.91 13.18
N GLY A 265 -17.34 1.26 13.81
CA GLY A 265 -17.56 0.65 15.11
C GLY A 265 -18.17 -0.74 15.07
N ILE A 266 -18.35 -1.26 13.87
CA ILE A 266 -18.85 -2.61 13.68
C ILE A 266 -17.73 -3.37 12.97
N TYR A 267 -17.05 -4.24 13.71
CA TYR A 267 -15.75 -4.75 13.26
C TYR A 267 -15.79 -6.12 12.63
N GLN A 268 -15.28 -6.20 11.40
CA GLN A 268 -15.06 -7.46 10.73
C GLN A 268 -13.66 -7.97 11.10
N LEU A 269 -13.62 -9.13 11.74
CA LEU A 269 -12.34 -9.67 12.20
C LEU A 269 -12.04 -10.97 11.48
N LYS A 270 -10.89 -11.02 10.83
CA LYS A 270 -10.40 -12.25 10.19
C LYS A 270 -9.04 -12.58 10.78
N ILE A 271 -9.04 -13.15 11.98
CA ILE A 271 -7.82 -13.21 12.76
C ILE A 271 -7.25 -14.62 12.81
N GLY A 272 -6.22 -14.85 12.00
CA GLY A 272 -5.54 -16.13 12.04
C GLY A 272 -6.20 -17.25 11.26
N ASP A 273 -7.36 -16.98 10.66
CA ASP A 273 -7.95 -17.97 9.76
C ASP A 273 -7.10 -18.05 8.49
N SER A 274 -7.44 -18.96 7.59
CA SER A 274 -6.70 -19.07 6.33
C SER A 274 -7.62 -19.04 5.12
N GLN A 275 -8.80 -18.46 5.29
CA GLN A 275 -9.70 -18.21 4.17
C GLN A 275 -8.99 -17.29 3.16
N ARG A 276 -8.83 -17.77 1.94
CA ARG A 276 -8.22 -16.98 0.87
C ARG A 276 -9.31 -16.28 0.09
N THR A 277 -8.93 -15.20 -0.59
CA THR A 277 -9.86 -14.46 -1.44
C THR A 277 -9.99 -15.15 -2.80
N PRO A 278 -11.24 -15.37 -3.24
CA PRO A 278 -11.52 -16.01 -4.53
C PRO A 278 -11.02 -15.19 -5.71
N ARG A 279 -10.41 -15.86 -6.67
CA ARG A 279 -9.89 -15.19 -7.86
C ARG A 279 -11.05 -14.86 -8.78
N VAL A 280 -11.15 -13.60 -9.16
CA VAL A 280 -12.28 -13.09 -9.94
C VAL A 280 -11.81 -12.05 -10.94
N PRO A 281 -12.27 -12.14 -12.19
CA PRO A 281 -12.03 -11.07 -13.16
C PRO A 281 -12.95 -9.88 -12.91
N SER A 282 -12.53 -8.67 -13.25
CA SER A 282 -13.38 -7.49 -13.03
C SER A 282 -14.52 -7.44 -14.04
N ASP A 283 -15.74 -7.21 -13.55
CA ASP A 283 -16.93 -7.14 -14.40
C ASP A 283 -17.64 -5.81 -14.22
N ASP A 284 -18.72 -5.60 -14.98
CA ASP A 284 -19.46 -4.34 -14.88
C ASP A 284 -20.32 -4.28 -13.61
N SER A 285 -19.97 -5.10 -12.63
CA SER A 285 -20.67 -5.14 -11.34
C SER A 285 -19.70 -5.25 -10.16
N THR A 286 -18.43 -5.49 -10.45
CA THR A 286 -17.45 -5.66 -9.39
C THR A 286 -17.06 -4.32 -8.75
N SER A 287 -17.41 -3.20 -9.39
CA SER A 287 -17.13 -1.88 -8.82
C SER A 287 -18.28 -1.30 -7.99
N GLU A 288 -19.42 -2.01 -7.94
CA GLU A 288 -20.59 -1.51 -7.22
C GLU A 288 -20.36 -1.49 -5.71
N TYR A 289 -20.76 -0.40 -5.07
CA TYR A 289 -20.61 -0.30 -3.62
C TYR A 289 -21.77 -1.00 -2.93
N LYS A 290 -21.71 -2.32 -2.91
CA LYS A 290 -22.68 -3.18 -2.25
C LYS A 290 -21.93 -4.28 -1.54
N ASP A 291 -22.58 -5.00 -0.62
CA ASP A 291 -21.96 -6.12 0.10
C ASP A 291 -20.72 -5.72 0.91
N MET A 292 -20.96 -5.03 2.02
CA MET A 292 -19.88 -4.36 2.74
C MET A 292 -18.82 -5.30 3.31
N ASP A 293 -19.15 -6.58 3.47
CA ASP A 293 -18.18 -7.50 4.05
C ASP A 293 -17.32 -8.19 3.00
N GLU A 294 -17.57 -7.90 1.72
CA GLU A 294 -16.79 -8.46 0.60
C GLU A 294 -15.85 -7.42 -0.01
N PRO A 295 -14.64 -7.83 -0.39
CA PRO A 295 -13.73 -6.88 -1.06
C PRO A 295 -14.26 -6.33 -2.40
N ASP A 296 -13.81 -5.13 -2.73
CA ASP A 296 -14.03 -4.52 -4.04
C ASP A 296 -13.06 -5.19 -5.02
N MET A 297 -13.53 -6.14 -5.82
CA MET A 297 -12.62 -6.91 -6.66
C MET A 297 -12.18 -6.14 -7.90
N SER A 298 -12.92 -5.09 -8.28
CA SER A 298 -12.41 -4.19 -9.30
C SER A 298 -11.08 -3.58 -8.84
N ASN A 299 -11.04 -3.11 -7.60
CA ASN A 299 -9.81 -2.53 -7.09
C ASN A 299 -8.75 -3.58 -6.75
N VAL A 300 -9.16 -4.72 -6.22
CA VAL A 300 -8.18 -5.76 -5.93
C VAL A 300 -7.46 -6.13 -7.23
N ASN A 301 -8.22 -6.31 -8.30
CA ASN A 301 -7.62 -6.67 -9.58
C ASN A 301 -6.72 -5.57 -10.13
N TYR A 302 -7.13 -4.31 -9.92
CA TYR A 302 -6.35 -3.19 -10.39
C TYR A 302 -5.07 -3.06 -9.60
N TRP A 303 -5.15 -3.20 -8.28
CA TRP A 303 -3.95 -3.17 -7.46
C TRP A 303 -2.95 -4.24 -7.92
N ILE A 304 -3.45 -5.46 -8.12
CA ILE A 304 -2.60 -6.55 -8.61
C ILE A 304 -1.94 -6.16 -9.94
N LEU A 305 -2.73 -5.64 -10.87
CA LEU A 305 -2.20 -5.19 -12.16
C LEU A 305 -1.08 -4.13 -12.02
N ARG A 306 -1.20 -3.24 -11.04
CA ARG A 306 -0.19 -2.20 -10.83
C ARG A 306 1.12 -2.78 -10.29
N PHE A 307 1.09 -4.06 -9.91
CA PHE A 307 2.32 -4.79 -9.54
C PHE A 307 2.74 -5.76 -10.64
N PHE A 308 2.40 -5.43 -11.88
CA PHE A 308 2.72 -6.25 -13.03
C PHE A 308 4.16 -6.82 -13.10
N PRO A 309 5.18 -6.02 -12.74
CA PRO A 309 6.56 -6.56 -12.78
C PRO A 309 6.77 -7.81 -11.90
N PHE A 310 5.92 -8.00 -10.89
CA PHE A 310 5.99 -9.15 -9.99
C PHE A 310 5.18 -10.33 -10.50
N LEU A 311 4.39 -10.09 -11.55
CA LEU A 311 3.52 -11.11 -12.12
C LEU A 311 4.13 -11.86 -13.30
N TYR A 312 3.93 -13.18 -13.32
CA TYR A 312 4.35 -13.97 -14.47
C TYR A 312 3.61 -13.53 -15.74
N PHE A 313 4.35 -13.43 -16.83
CA PHE A 313 3.78 -13.01 -18.11
C PHE A 313 4.56 -13.69 -19.24
N LYS A 314 3.87 -14.50 -20.03
CA LYS A 314 4.52 -15.33 -21.05
C LYS A 314 5.35 -14.53 -22.05
N LEU A 315 4.86 -13.35 -22.44
CA LEU A 315 5.49 -12.59 -23.51
C LEU A 315 6.89 -12.07 -23.18
N ARG A 316 7.26 -12.06 -21.90
CA ARG A 316 8.58 -11.55 -21.53
C ARG A 316 9.72 -12.32 -22.21
N ILE A 317 9.49 -13.56 -22.60
CA ILE A 317 10.52 -14.34 -23.27
C ILE A 317 10.84 -13.73 -24.65
N ASN A 318 9.80 -13.30 -25.35
CA ASN A 318 9.98 -12.65 -26.66
C ASN A 318 10.62 -11.29 -26.54
N TRP A 319 10.24 -10.53 -25.50
CA TRP A 319 10.80 -9.19 -25.29
C TRP A 319 12.28 -9.29 -25.05
N PHE A 320 12.69 -10.34 -24.32
CA PHE A 320 14.07 -10.51 -23.96
C PHE A 320 14.88 -11.01 -25.16
N LYS A 321 14.34 -12.02 -25.84
CA LYS A 321 15.00 -12.61 -27.01
C LYS A 321 15.27 -11.55 -28.07
N ASN A 322 14.32 -10.66 -28.30
CA ASN A 322 14.43 -9.65 -29.33
C ASN A 322 15.08 -8.37 -28.83
N SER A 323 15.44 -8.36 -27.55
CA SER A 323 16.02 -7.17 -26.92
C SER A 323 15.15 -5.91 -27.07
N SER A 324 13.84 -6.11 -27.10
CA SER A 324 12.87 -5.04 -27.36
C SER A 324 12.83 -3.95 -26.30
N LEU A 325 13.33 -4.23 -25.10
CA LEU A 325 13.19 -3.29 -23.99
C LEU A 325 14.53 -2.71 -23.51
N ILE A 326 15.62 -3.07 -24.18
CA ILE A 326 16.94 -2.60 -23.77
C ILE A 326 16.99 -1.08 -23.69
N GLU A 327 16.48 -0.41 -24.71
CA GLU A 327 16.50 1.06 -24.72
C GLU A 327 15.61 1.65 -23.62
N SER A 328 14.45 1.03 -23.39
CA SER A 328 13.58 1.43 -22.29
C SER A 328 14.28 1.24 -20.95
N ILE A 329 15.00 0.13 -20.82
CA ILE A 329 15.69 -0.17 -19.57
C ILE A 329 16.85 0.79 -19.31
N LEU A 330 17.69 0.98 -20.31
CA LEU A 330 18.82 1.89 -20.19
C LEU A 330 18.37 3.34 -20.03
N GLY A 331 17.30 3.69 -20.73
CA GLY A 331 16.82 5.07 -20.74
C GLY A 331 16.01 5.52 -19.53
N LYS A 332 15.48 4.59 -18.76
CA LYS A 332 14.61 5.00 -17.64
C LYS A 332 15.40 5.69 -16.54
N THR A 333 14.81 6.76 -16.00
CA THR A 333 15.41 7.51 -14.91
C THR A 333 14.87 6.98 -13.59
N ARG A 334 15.50 7.36 -12.49
CA ARG A 334 15.07 6.90 -11.17
C ARG A 334 13.67 7.43 -10.85
N MET A 335 13.42 8.71 -11.13
CA MET A 335 12.12 9.33 -10.92
C MET A 335 11.72 10.08 -12.18
N PRO A 336 10.43 10.43 -12.32
CA PRO A 336 10.01 11.32 -13.41
C PRO A 336 10.85 12.59 -13.41
N LEU A 337 11.24 13.06 -14.58
CA LEU A 337 12.14 14.20 -14.67
C LEU A 337 11.63 15.44 -13.94
N ASP A 338 10.32 15.65 -13.95
CA ASP A 338 9.74 16.84 -13.34
C ASP A 338 9.40 16.66 -11.86
N HIS A 339 9.83 15.54 -11.29
CA HIS A 339 9.54 15.24 -9.89
C HIS A 339 10.40 16.07 -8.95
N GLU A 340 9.85 16.34 -7.76
CA GLU A 340 10.58 16.98 -6.67
C GLU A 340 11.98 16.41 -6.45
N TYR A 341 12.14 15.13 -6.67
CA TYR A 341 13.43 14.43 -6.54
C TYR A 341 14.60 15.20 -7.15
N TYR A 342 14.37 15.80 -8.33
CA TYR A 342 15.45 16.43 -9.09
C TYR A 342 15.55 17.93 -8.88
N LYS A 343 14.55 18.51 -8.21
CA LYS A 343 14.51 19.95 -7.99
C LYS A 343 15.71 20.42 -7.18
N ASP A 344 16.41 19.48 -6.54
CA ASP A 344 17.66 19.75 -5.85
C ASP A 344 18.36 18.44 -5.50
N LYS A 346 19.90 15.95 -6.25
CA LYS A 346 19.84 14.79 -7.13
C LYS A 346 20.11 15.19 -8.58
N HIS A 347 20.65 14.26 -9.37
CA HIS A 347 20.96 14.53 -10.77
C HIS A 347 21.35 13.26 -11.52
N ASP A 353 23.94 8.42 -21.76
CA ASP A 353 23.67 7.24 -22.57
C ASP A 353 24.82 6.25 -22.47
N LEU A 354 24.64 5.22 -21.66
CA LEU A 354 25.71 4.25 -21.43
C LEU A 354 26.15 3.64 -22.77
N LEU A 355 25.26 3.65 -23.74
CA LEU A 355 25.56 3.16 -25.08
C LEU A 355 26.72 3.91 -25.72
N ASP A 356 26.66 5.24 -25.70
CA ASP A 356 27.68 6.08 -26.33
C ASP A 356 28.63 6.68 -25.30
N SER A 357 29.23 5.82 -24.49
CA SER A 357 30.13 6.27 -23.43
C SER A 357 31.19 5.22 -23.14
N GLU A 358 32.25 5.63 -22.47
CA GLU A 358 33.27 4.69 -22.04
C GLU A 358 33.11 4.33 -20.55
N GLU A 359 32.05 4.84 -19.92
CA GLU A 359 31.70 4.42 -18.56
C GLU A 359 31.26 2.96 -18.59
N VAL A 360 31.64 2.18 -17.58
CA VAL A 360 31.28 0.77 -17.60
C VAL A 360 29.83 0.59 -17.14
N ILE A 361 29.28 -0.60 -17.34
CA ILE A 361 27.93 -0.91 -16.85
C ILE A 361 27.97 -1.35 -15.38
N LYS A 362 27.40 -0.55 -14.49
CA LYS A 362 27.43 -0.86 -13.07
C LYS A 362 26.38 -1.91 -12.70
N ASP A 363 26.57 -2.56 -11.55
CA ASP A 363 25.61 -3.51 -11.00
C ASP A 363 24.17 -2.96 -11.01
N THR A 364 24.02 -1.71 -10.54
CA THR A 364 22.70 -1.08 -10.43
C THR A 364 21.95 -1.03 -11.75
N VAL A 365 22.71 -0.89 -12.84
CA VAL A 365 22.10 -0.85 -14.16
C VAL A 365 21.59 -2.22 -14.56
N LEU A 366 22.34 -3.25 -14.19
CA LEU A 366 21.93 -4.64 -14.41
C LEU A 366 20.75 -5.09 -13.53
N GLU A 367 20.48 -4.35 -12.45
CA GLU A 367 19.32 -4.58 -11.58
C GLU A 367 18.02 -3.96 -12.12
N LYS A 368 18.19 -3.01 -13.05
CA LYS A 368 17.07 -2.23 -13.58
C LYS A 368 16.09 -3.05 -14.40
N THR A 369 14.80 -2.71 -14.29
CA THR A 369 13.77 -3.38 -15.09
C THR A 369 12.83 -2.41 -15.79
N PHE A 370 12.25 -2.89 -16.88
CA PHE A 370 11.11 -2.27 -17.51
C PHE A 370 10.13 -3.39 -17.82
N LEU A 371 8.87 -3.21 -17.44
CA LEU A 371 7.86 -4.25 -17.64
C LEU A 371 8.28 -5.59 -17.04
N GLY A 372 9.13 -5.53 -16.02
CA GLY A 372 9.56 -6.74 -15.32
C GLY A 372 10.78 -7.42 -15.94
N THR A 373 11.23 -6.91 -17.07
CA THR A 373 12.36 -7.50 -17.80
C THR A 373 13.64 -6.75 -17.47
N SER A 374 14.74 -7.47 -17.32
CA SER A 374 16.01 -6.82 -17.08
C SER A 374 16.94 -7.04 -18.29
N LEU A 375 18.13 -6.44 -18.27
CA LEU A 375 19.08 -6.68 -19.34
C LEU A 375 19.50 -8.16 -19.36
N GLY A 376 19.55 -8.78 -18.17
CA GLY A 376 20.01 -10.15 -18.04
C GLY A 376 18.98 -11.28 -18.04
N GLN A 377 17.74 -10.98 -17.66
CA GLN A 377 16.71 -12.03 -17.54
C GLN A 377 15.41 -11.59 -18.17
N PRO A 378 14.69 -12.53 -18.77
CA PRO A 378 13.36 -12.18 -19.30
C PRO A 378 12.45 -11.65 -18.18
N TRP A 379 12.51 -12.27 -17.01
CA TRP A 379 11.68 -11.86 -15.87
C TRP A 379 12.55 -11.80 -14.61
N LYS A 380 12.89 -10.59 -14.17
CA LYS A 380 13.86 -10.47 -13.09
C LYS A 380 13.38 -11.07 -11.77
N PHE A 381 12.08 -11.00 -11.51
CA PHE A 381 11.53 -11.50 -10.23
C PHE A 381 11.37 -13.02 -10.19
N GLN A 382 11.51 -13.67 -11.34
CA GLN A 382 11.34 -15.13 -11.41
C GLN A 382 12.15 -15.87 -10.33
N GLY A 383 11.50 -16.81 -9.66
CA GLY A 383 12.15 -17.57 -8.61
C GLY A 383 12.27 -16.85 -7.29
N LYS A 384 11.73 -15.63 -7.19
CA LYS A 384 11.83 -14.90 -5.94
C LYS A 384 10.49 -14.84 -5.20
N ASN A 385 10.50 -14.31 -3.99
CA ASN A 385 9.26 -14.10 -3.21
C ASN A 385 9.17 -12.65 -2.75
N ALA A 386 7.96 -12.14 -2.66
CA ALA A 386 7.76 -10.84 -2.04
C ALA A 386 6.38 -10.83 -1.40
N ILE A 387 6.24 -10.10 -0.29
CA ILE A 387 4.95 -10.00 0.36
C ILE A 387 4.41 -8.57 0.21
N LEU A 388 3.13 -8.44 -0.13
CA LEU A 388 2.47 -7.12 -0.25
C LEU A 388 1.40 -7.00 0.83
N VAL A 389 1.51 -5.98 1.67
CA VAL A 389 0.50 -5.74 2.70
C VAL A 389 -0.20 -4.42 2.38
N LEU A 390 -1.51 -4.48 2.15
CA LEU A 390 -2.25 -3.30 1.74
C LEU A 390 -3.34 -2.96 2.77
N ALA A 391 -3.15 -1.82 3.42
CA ALA A 391 -4.09 -1.34 4.43
C ALA A 391 -4.83 -0.14 3.87
N ASN A 392 -6.03 -0.38 3.35
CA ASN A 392 -6.86 0.68 2.78
C ASN A 392 -8.00 1.05 3.73
N ARG A 393 -8.24 2.35 3.92
CA ARG A 393 -9.34 2.78 4.76
C ARG A 393 -10.69 2.49 4.07
N CYS A 394 -11.77 2.55 4.85
CA CYS A 394 -13.13 2.41 4.32
C CYS A 394 -13.91 3.69 4.62
N GLY A 395 -15.21 3.69 4.32
CA GLY A 395 -16.04 4.85 4.59
C GLY A 395 -16.11 5.86 3.48
N THR A 396 -16.63 7.04 3.80
CA THR A 396 -17.01 8.05 2.81
C THR A 396 -16.70 9.44 3.33
N GLU A 397 -16.37 10.37 2.45
CA GLU A 397 -16.16 11.77 2.84
C GLU A 397 -16.74 12.76 1.83
N ASP A 398 -17.17 13.92 2.33
CA ASP A 398 -17.66 15.04 1.52
C ASP A 398 -18.94 14.71 0.75
N GLY A 399 -19.51 13.54 0.98
CA GLY A 399 -20.65 13.07 0.21
C GLY A 399 -20.30 12.75 -1.24
N THR A 400 -19.01 12.70 -1.55
CA THR A 400 -18.55 12.48 -2.93
C THR A 400 -17.60 11.32 -3.07
N THR A 401 -16.95 10.94 -1.98
CA THR A 401 -15.76 10.11 -2.04
C THR A 401 -15.95 8.85 -1.21
N ILE A 402 -15.98 7.71 -1.90
CA ILE A 402 -16.19 6.44 -1.23
C ILE A 402 -14.89 5.65 -1.30
N PHE A 403 -14.33 5.35 -0.13
CA PHE A 403 -13.08 4.58 -0.10
C PHE A 403 -13.37 3.09 -0.25
N ALA A 404 -12.45 2.37 -0.86
CA ALA A 404 -12.71 1.00 -1.30
C ALA A 404 -12.54 -0.07 -0.23
N GLY A 405 -11.98 0.28 0.91
CA GLY A 405 -11.63 -0.73 1.90
C GLY A 405 -10.82 -1.85 1.26
N SER A 406 -11.16 -3.09 1.62
CA SER A 406 -10.61 -4.28 0.98
C SER A 406 -9.13 -4.48 1.26
N SER A 407 -8.70 -4.07 2.44
CA SER A 407 -7.33 -4.30 2.90
C SER A 407 -7.02 -5.78 2.75
N GLY A 408 -5.77 -6.10 2.46
CA GLY A 408 -5.44 -7.49 2.19
C GLY A 408 -3.95 -7.76 2.22
N ILE A 409 -3.64 -9.05 2.11
CA ILE A 409 -2.27 -9.51 2.14
C ILE A 409 -2.06 -10.43 0.94
N TYR A 410 -0.92 -10.27 0.29
CA TYR A 410 -0.66 -10.94 -0.97
C TYR A 410 0.77 -11.47 -0.98
N LYS A 411 0.95 -12.58 -1.67
CA LYS A 411 2.29 -13.14 -1.85
C LYS A 411 2.57 -13.27 -3.33
N PHE A 412 3.66 -12.65 -3.78
CA PHE A 412 4.13 -12.90 -5.14
C PHE A 412 5.14 -14.03 -5.07
N ASN A 413 4.84 -15.13 -5.76
CA ASN A 413 5.60 -16.35 -5.51
C ASN A 413 6.71 -16.60 -6.55
N GLY A 414 6.75 -15.75 -7.57
CA GLY A 414 7.80 -15.80 -8.58
C GLY A 414 7.79 -17.05 -9.44
N LYS A 415 6.66 -17.75 -9.46
CA LYS A 415 6.56 -19.04 -10.15
C LYS A 415 6.08 -18.89 -11.58
N LYS A 416 6.70 -19.66 -12.47
CA LYS A 416 6.27 -19.72 -13.87
C LYS A 416 5.21 -20.82 -14.04
N PRO A 417 4.48 -20.77 -15.16
CA PRO A 417 3.53 -21.82 -15.54
C PRO A 417 2.43 -22.01 -14.49
N SER A 426 -1.55 -16.10 -18.77
CA SER A 426 -1.01 -14.81 -18.36
C SER A 426 -2.12 -13.77 -18.25
N SER A 427 -2.97 -13.93 -17.25
CA SER A 427 -4.01 -12.94 -16.99
C SER A 427 -3.37 -11.78 -16.25
N LEU A 428 -3.97 -10.61 -16.39
CA LEU A 428 -3.44 -9.42 -15.74
C LEU A 428 -4.25 -9.07 -14.50
N ASP A 429 -4.67 -10.09 -13.75
CA ASP A 429 -5.53 -9.83 -12.61
C ASP A 429 -5.40 -10.94 -11.57
N SER A 430 -6.40 -11.09 -10.71
CA SER A 430 -6.34 -12.10 -9.65
C SER A 430 -6.34 -13.54 -10.15
N LEU A 431 -6.66 -13.74 -11.42
CA LEU A 431 -6.60 -15.07 -12.03
C LEU A 431 -5.16 -15.53 -12.23
N ASN A 432 -4.23 -14.59 -12.25
CA ASN A 432 -2.82 -14.94 -12.44
C ASN A 432 -2.27 -15.66 -11.22
N GLU A 433 -1.78 -16.87 -11.40
CA GLU A 433 -1.48 -17.70 -10.24
C GLU A 433 -0.10 -17.45 -9.69
N SER A 434 0.62 -16.47 -10.23
CA SER A 434 1.89 -16.08 -9.63
C SER A 434 1.66 -15.10 -8.48
N VAL A 435 0.41 -14.71 -8.25
CA VAL A 435 0.11 -13.98 -7.02
C VAL A 435 -0.87 -14.80 -6.18
N GLU A 436 -0.67 -14.77 -4.86
CA GLU A 436 -1.53 -15.49 -3.93
C GLU A 436 -2.33 -14.52 -3.08
N LEU A 437 -3.65 -14.64 -3.10
CA LEU A 437 -4.51 -13.75 -2.32
C LEU A 437 -4.76 -14.36 -0.95
N LEU A 438 -3.90 -14.05 0.01
CA LEU A 438 -3.93 -14.69 1.32
C LEU A 438 -5.11 -14.27 2.20
N GLY A 439 -5.81 -13.20 1.82
CA GLY A 439 -6.99 -12.77 2.56
C GLY A 439 -7.27 -11.29 2.42
N ASN A 440 -8.56 -10.94 2.37
CA ASN A 440 -9.02 -9.55 2.36
C ASN A 440 -10.16 -9.28 3.32
N LEU A 441 -10.20 -8.04 3.83
CA LEU A 441 -11.38 -7.51 4.48
C LEU A 441 -12.39 -7.03 3.43
N GLY A 442 -13.59 -6.70 3.90
CA GLY A 442 -14.62 -6.16 3.03
C GLY A 442 -14.34 -4.71 2.62
N LYS A 443 -15.12 -4.23 1.65
CA LYS A 443 -14.97 -2.87 1.15
C LYS A 443 -15.51 -1.79 2.09
N GLY A 444 -16.33 -2.18 3.06
CA GLY A 444 -17.10 -1.20 3.80
C GLY A 444 -17.07 -1.24 5.32
N LEU A 445 -16.49 -2.27 5.91
CA LEU A 445 -16.46 -2.35 7.37
C LEU A 445 -15.09 -2.08 7.96
N GLU A 446 -15.07 -1.38 9.09
CA GLU A 446 -13.86 -1.32 9.90
C GLU A 446 -13.54 -2.73 10.39
N GLY A 447 -12.27 -3.00 10.66
CA GLY A 447 -11.91 -4.31 11.18
C GLY A 447 -10.43 -4.60 11.12
N ALA A 448 -10.09 -5.89 11.10
CA ALA A 448 -8.71 -6.27 11.16
C ALA A 448 -8.53 -7.64 10.55
N ILE A 449 -7.39 -7.85 9.90
CA ILE A 449 -7.09 -9.16 9.35
C ILE A 449 -5.67 -9.54 9.73
N LEU A 450 -5.51 -10.77 10.22
CA LEU A 450 -4.20 -11.28 10.59
C LEU A 450 -3.93 -12.53 9.77
N ARG A 451 -2.73 -12.59 9.18
CA ARG A 451 -2.33 -13.78 8.43
C ARG A 451 -0.90 -14.12 8.75
N GLU A 452 -0.63 -15.40 8.93
CA GLU A 452 0.74 -15.86 8.98
C GLU A 452 1.19 -16.02 7.54
N VAL A 453 2.29 -15.36 7.18
CA VAL A 453 2.76 -15.39 5.81
C VAL A 453 4.12 -16.09 5.74
N GLN A 454 4.20 -17.08 4.87
CA GLN A 454 5.43 -17.85 4.71
C GLN A 454 6.01 -17.68 3.31
N PHE A 455 7.29 -17.34 3.25
CA PHE A 455 7.94 -17.04 1.98
C PHE A 455 9.44 -17.20 2.18
N GLU A 456 10.21 -17.10 1.10
CA GLU A 456 11.65 -17.23 1.22
C GLU A 456 12.40 -16.00 0.74
N VAL A 457 13.57 -15.81 1.32
CA VAL A 457 14.53 -14.81 0.88
C VAL A 457 15.88 -15.50 0.73
N PHE A 458 16.81 -14.82 0.08
CA PHE A 458 18.14 -15.37 -0.14
C PHE A 458 19.18 -14.44 0.43
N ARG A 459 20.14 -15.00 1.18
CA ARG A 459 21.09 -14.19 1.93
C ARG A 459 22.53 -14.64 1.68
#